data_5IZS
#
_entry.id   5IZS
#
_cell.length_a   72.670
_cell.length_b   72.670
_cell.length_c   88.240
_cell.angle_alpha   90.00
_cell.angle_beta   90.00
_cell.angle_gamma   120.00
#
_symmetry.space_group_name_H-M   'P 3'
#
loop_
_entity.id
_entity.type
_entity.pdbx_description
1 polymer 'Designed protein 5L6HC3_1'
2 water water
#
_entity_poly.entity_id   1
_entity_poly.type   'polypeptide(L)'
_entity_poly.pdbx_seq_one_letter_code
;SEELRAVADLQRLNIELARKLLEAVARLQELNIDLVRKTSELTDEKTIREEIRKVKEESKRIVEEAEEEIRRAKEESRYI
ADESRGSLEHHHHHH
;
_entity_poly.pdbx_strand_id   A,B,C,D,E,F
#
# COMPACT_ATOMS: atom_id res chain seq x y z
N ALA A 6 -8.78 6.14 2.68
CA ALA A 6 -7.83 5.03 2.85
C ALA A 6 -7.89 4.08 1.66
N VAL A 7 -8.16 4.63 0.49
CA VAL A 7 -8.43 3.84 -0.70
C VAL A 7 -7.17 3.18 -1.27
N ALA A 8 -6.07 3.92 -1.29
CA ALA A 8 -4.81 3.42 -1.86
C ALA A 8 -4.21 2.28 -1.04
N ASP A 9 -4.44 2.31 0.27
CA ASP A 9 -3.90 1.30 1.18
C ASP A 9 -4.60 -0.04 1.02
N LEU A 10 -5.93 0.00 0.96
CA LEU A 10 -6.73 -1.20 0.75
C LEU A 10 -6.47 -1.79 -0.63
N GLN A 11 -6.18 -0.92 -1.59
CA GLN A 11 -5.92 -1.34 -2.96
C GLN A 11 -4.59 -2.09 -3.05
N ARG A 12 -3.60 -1.58 -2.34
CA ARG A 12 -2.27 -2.19 -2.26
C ARG A 12 -2.38 -3.58 -1.66
N LEU A 13 -3.33 -3.73 -0.74
CA LEU A 13 -3.57 -4.98 -0.03
C LEU A 13 -4.07 -6.06 -0.99
N ASN A 14 -5.03 -5.69 -1.85
CA ASN A 14 -5.58 -6.61 -2.83
C ASN A 14 -4.53 -7.06 -3.85
N ILE A 15 -3.65 -6.13 -4.24
CA ILE A 15 -2.55 -6.43 -5.14
C ILE A 15 -1.60 -7.44 -4.50
N GLU A 16 -1.33 -7.27 -3.21
CA GLU A 16 -0.53 -8.22 -2.45
C GLU A 16 -1.17 -9.60 -2.46
N LEU A 17 -2.48 -9.62 -2.23
CA LEU A 17 -3.26 -10.86 -2.16
C LEU A 17 -3.17 -11.63 -3.47
N ALA A 18 -3.47 -10.95 -4.58
CA ALA A 18 -3.40 -11.53 -5.93
C ALA A 18 -2.06 -12.21 -6.18
N ARG A 19 -0.99 -11.63 -5.62
CA ARG A 19 0.36 -12.18 -5.77
C ARG A 19 0.53 -13.47 -4.98
N LYS A 20 0.01 -13.48 -3.76
CA LYS A 20 0.06 -14.66 -2.91
C LYS A 20 -0.64 -15.85 -3.56
N LEU A 21 -1.88 -15.63 -3.99
CA LEU A 21 -2.69 -16.69 -4.59
C LEU A 21 -2.08 -17.19 -5.89
N LEU A 22 -1.53 -16.27 -6.67
CA LEU A 22 -0.89 -16.61 -7.94
C LEU A 22 0.35 -17.47 -7.72
N GLU A 23 1.13 -17.11 -6.71
CA GLU A 23 2.33 -17.88 -6.36
C GLU A 23 1.96 -19.27 -5.87
N ALA A 24 0.85 -19.36 -5.14
CA ALA A 24 0.33 -20.66 -4.70
C ALA A 24 -0.09 -21.49 -5.91
N VAL A 25 -0.77 -20.85 -6.86
CA VAL A 25 -1.19 -21.50 -8.09
C VAL A 25 0.03 -21.98 -8.88
N ALA A 26 1.08 -21.18 -8.92
CA ALA A 26 2.31 -21.52 -9.62
C ALA A 26 3.04 -22.70 -8.97
N ARG A 27 3.03 -22.72 -7.63
CA ARG A 27 3.71 -23.77 -6.89
C ARG A 27 2.96 -25.09 -6.96
N LEU A 28 1.63 -25.02 -7.04
CA LEU A 28 0.84 -26.23 -7.20
C LEU A 28 1.00 -26.81 -8.61
N GLN A 29 1.18 -25.94 -9.60
CA GLN A 29 1.38 -26.38 -10.97
C GLN A 29 2.69 -27.13 -11.14
N GLU A 30 3.76 -26.60 -10.56
CA GLU A 30 5.06 -27.25 -10.60
C GLU A 30 5.04 -28.56 -9.82
N LEU A 31 4.17 -28.64 -8.82
CA LEU A 31 3.97 -29.87 -8.05
C LEU A 31 3.31 -30.96 -8.90
N ASN A 32 2.34 -30.55 -9.72
CA ASN A 32 1.60 -31.49 -10.57
C ASN A 32 2.40 -31.97 -11.78
N ILE A 33 3.23 -31.10 -12.33
CA ILE A 33 4.15 -31.48 -13.41
C ILE A 33 5.15 -32.50 -12.87
N ASP A 34 5.61 -32.27 -11.65
CA ASP A 34 6.57 -33.15 -11.00
C ASP A 34 5.98 -34.51 -10.64
N LEU A 35 4.74 -34.52 -10.15
CA LEU A 35 4.07 -35.78 -9.80
C LEU A 35 3.89 -36.65 -11.04
N VAL A 36 3.52 -36.01 -12.15
CA VAL A 36 3.37 -36.72 -13.41
C VAL A 36 4.70 -37.22 -13.95
N ARG A 37 5.75 -36.41 -13.81
CA ARG A 37 7.08 -36.80 -14.28
C ARG A 37 7.63 -38.00 -13.50
N LYS A 38 7.54 -37.93 -12.17
CA LYS A 38 8.06 -39.00 -11.32
C LYS A 38 7.26 -40.28 -11.52
N THR A 39 5.94 -40.17 -11.63
CA THR A 39 5.08 -41.33 -11.82
C THR A 39 5.40 -42.05 -13.13
N SER A 40 5.67 -41.27 -14.19
CA SER A 40 6.04 -41.84 -15.48
C SER A 40 7.38 -42.57 -15.38
N GLU A 41 8.22 -42.12 -14.45
CA GLU A 41 9.57 -42.68 -14.27
C GLU A 41 9.54 -43.96 -13.44
N LEU A 42 8.57 -44.08 -12.54
CA LEU A 42 8.50 -45.22 -11.64
C LEU A 42 7.50 -46.29 -12.12
N THR A 43 7.79 -47.55 -11.81
CA THR A 43 6.90 -48.67 -12.13
C THR A 43 6.28 -49.27 -10.86
N ASP A 44 7.04 -49.23 -9.77
CA ASP A 44 6.58 -49.73 -8.48
C ASP A 44 5.45 -48.87 -7.90
N GLU A 45 4.29 -49.48 -7.70
CA GLU A 45 3.09 -48.77 -7.29
C GLU A 45 3.14 -48.30 -5.83
N LYS A 46 3.74 -49.11 -4.96
CA LYS A 46 3.98 -48.72 -3.58
C LYS A 46 4.79 -47.43 -3.56
N THR A 47 5.82 -47.39 -4.40
CA THR A 47 6.69 -46.23 -4.52
C THR A 47 5.97 -45.02 -5.12
N ILE A 48 5.13 -45.29 -6.12
CA ILE A 48 4.33 -44.26 -6.76
C ILE A 48 3.34 -43.64 -5.76
N ARG A 49 2.86 -44.45 -4.83
CA ARG A 49 1.88 -43.99 -3.84
C ARG A 49 2.48 -43.00 -2.85
N GLU A 50 3.78 -43.13 -2.58
CA GLU A 50 4.45 -42.25 -1.63
C GLU A 50 4.65 -40.88 -2.26
N GLU A 51 4.98 -40.86 -3.55
CA GLU A 51 5.09 -39.63 -4.31
C GLU A 51 3.77 -38.86 -4.30
N ILE A 52 2.69 -39.59 -4.57
CA ILE A 52 1.34 -39.03 -4.53
C ILE A 52 0.96 -38.52 -3.15
N ARG A 53 1.22 -39.34 -2.12
CA ARG A 53 0.94 -38.95 -0.75
C ARG A 53 1.74 -37.73 -0.34
N LYS A 54 2.97 -37.62 -0.86
CA LYS A 54 3.86 -36.50 -0.54
C LYS A 54 3.41 -35.21 -1.22
N VAL A 55 3.05 -35.31 -2.50
CA VAL A 55 2.52 -34.17 -3.24
C VAL A 55 1.22 -33.66 -2.63
N LYS A 56 0.37 -34.60 -2.21
CA LYS A 56 -0.93 -34.26 -1.62
C LYS A 56 -0.79 -33.40 -0.36
N GLU A 57 0.04 -33.84 0.58
CA GLU A 57 0.24 -33.11 1.83
C GLU A 57 0.99 -31.80 1.60
N GLU A 58 1.88 -31.81 0.61
CA GLU A 58 2.59 -30.59 0.21
C GLU A 58 1.60 -29.59 -0.35
N SER A 59 0.70 -30.08 -1.21
CA SER A 59 -0.36 -29.25 -1.78
C SER A 59 -1.24 -28.67 -0.67
N LYS A 60 -1.47 -29.50 0.35
CA LYS A 60 -2.27 -29.11 1.51
C LYS A 60 -1.59 -28.02 2.32
N ARG A 61 -0.27 -28.13 2.47
CA ARG A 61 0.50 -27.10 3.18
C ARG A 61 0.37 -25.77 2.45
N ILE A 62 0.56 -25.80 1.13
CA ILE A 62 0.48 -24.62 0.29
C ILE A 62 -0.90 -23.94 0.35
N VAL A 63 -1.95 -24.73 0.27
CA VAL A 63 -3.32 -24.22 0.34
C VAL A 63 -3.57 -23.56 1.70
N GLU A 64 -3.09 -24.19 2.76
CA GLU A 64 -3.27 -23.68 4.11
C GLU A 64 -2.52 -22.36 4.32
N GLU A 65 -1.28 -22.30 3.82
CA GLU A 65 -0.49 -21.07 3.86
C GLU A 65 -1.25 -19.92 3.20
N ALA A 66 -1.83 -20.20 2.04
CA ALA A 66 -2.61 -19.21 1.30
C ALA A 66 -3.87 -18.82 2.06
N GLU A 67 -4.45 -19.78 2.77
CA GLU A 67 -5.66 -19.53 3.55
C GLU A 67 -5.39 -18.55 4.69
N GLU A 68 -4.22 -18.69 5.32
CA GLU A 68 -3.84 -17.83 6.44
C GLU A 68 -3.48 -16.43 5.94
N GLU A 69 -2.91 -16.36 4.74
CA GLU A 69 -2.55 -15.08 4.12
C GLU A 69 -3.81 -14.26 3.82
N ILE A 70 -4.83 -14.92 3.29
CA ILE A 70 -6.11 -14.28 3.02
C ILE A 70 -6.74 -13.79 4.32
N ARG A 71 -6.71 -14.65 5.34
CA ARG A 71 -7.23 -14.31 6.66
C ARG A 71 -6.52 -13.08 7.24
N ARG A 72 -5.22 -12.98 6.98
CA ARG A 72 -4.44 -11.84 7.46
C ARG A 72 -4.72 -10.56 6.68
N ALA A 73 -4.90 -10.71 5.38
CA ALA A 73 -5.29 -9.59 4.53
C ALA A 73 -6.66 -9.06 4.96
N LYS A 74 -7.54 -9.99 5.34
CA LYS A 74 -8.89 -9.65 5.78
C LYS A 74 -8.88 -8.90 7.10
N GLU A 75 -8.07 -9.36 8.05
CA GLU A 75 -7.94 -8.70 9.35
C GLU A 75 -7.31 -7.33 9.19
N GLU A 76 -6.34 -7.22 8.28
CA GLU A 76 -5.67 -5.95 8.04
C GLU A 76 -6.61 -4.95 7.39
N SER A 77 -7.55 -5.44 6.58
CA SER A 77 -8.56 -4.59 5.96
C SER A 77 -9.47 -3.99 7.03
N ARG A 78 -9.79 -4.81 8.03
CA ARG A 78 -10.62 -4.40 9.14
C ARG A 78 -9.98 -3.27 9.97
N TYR A 79 -8.68 -3.38 10.21
CA TYR A 79 -7.97 -2.34 10.95
C TYR A 79 -7.91 -1.05 10.14
N ILE A 80 -7.63 -1.18 8.85
CA ILE A 80 -7.56 -0.01 7.98
C ILE A 80 -8.95 0.60 7.85
N ALA A 81 -9.98 -0.21 8.07
CA ALA A 81 -11.37 0.26 8.10
C ALA A 81 -11.68 0.98 9.39
N ASP A 82 -10.90 0.66 10.43
CA ASP A 82 -11.08 1.00 11.85
C ASP A 82 -12.21 0.18 12.46
N ALA B 6 -10.70 6.97 -7.72
CA ALA B 6 -12.11 6.66 -7.52
C ALA B 6 -12.32 5.19 -7.18
N VAL B 7 -13.30 4.93 -6.31
CA VAL B 7 -13.50 3.59 -5.78
C VAL B 7 -14.06 2.60 -6.81
N ALA B 8 -15.07 3.04 -7.56
CA ALA B 8 -15.72 2.20 -8.56
C ALA B 8 -14.74 1.69 -9.62
N ASP B 9 -13.83 2.56 -10.03
CA ASP B 9 -12.83 2.21 -11.05
C ASP B 9 -11.82 1.22 -10.50
N LEU B 10 -11.42 1.40 -9.24
CA LEU B 10 -10.47 0.51 -8.60
C LEU B 10 -11.08 -0.87 -8.39
N GLN B 11 -12.37 -0.90 -8.07
CA GLN B 11 -13.06 -2.15 -7.85
C GLN B 11 -13.25 -2.89 -9.17
N ARG B 12 -13.56 -2.13 -10.23
CA ARG B 12 -13.64 -2.68 -11.57
C ARG B 12 -12.30 -3.32 -11.96
N LEU B 13 -11.22 -2.67 -11.56
CA LEU B 13 -9.86 -3.17 -11.80
C LEU B 13 -9.63 -4.50 -11.08
N ASN B 14 -10.11 -4.58 -9.85
CA ASN B 14 -9.95 -5.78 -9.02
C ASN B 14 -10.75 -6.96 -9.56
N ILE B 15 -11.95 -6.68 -10.03
CA ILE B 15 -12.79 -7.70 -10.65
C ILE B 15 -12.14 -8.24 -11.93
N GLU B 16 -11.60 -7.32 -12.72
CA GLU B 16 -10.86 -7.67 -13.93
C GLU B 16 -9.69 -8.60 -13.63
N LEU B 17 -8.98 -8.30 -12.54
CA LEU B 17 -7.78 -9.04 -12.17
C LEU B 17 -8.12 -10.46 -11.70
N ALA B 18 -9.14 -10.57 -10.85
CA ALA B 18 -9.58 -11.86 -10.32
C ALA B 18 -9.98 -12.81 -11.45
N ARG B 19 -10.59 -12.25 -12.48
N ARG B 19 -10.60 -12.24 -12.49
CA ARG B 19 -11.07 -13.02 -13.61
CA ARG B 19 -11.07 -13.00 -13.63
C ARG B 19 -9.90 -13.54 -14.45
C ARG B 19 -9.90 -13.53 -14.46
N LYS B 20 -8.86 -12.74 -14.56
CA LYS B 20 -7.67 -13.11 -15.33
C LYS B 20 -6.83 -14.15 -14.61
N LEU B 21 -6.87 -14.13 -13.27
CA LEU B 21 -6.19 -15.13 -12.48
C LEU B 21 -6.91 -16.47 -12.58
N LEU B 22 -8.25 -16.41 -12.61
CA LEU B 22 -9.04 -17.61 -12.81
C LEU B 22 -8.83 -18.19 -14.21
N GLU B 23 -8.63 -17.31 -15.18
CA GLU B 23 -8.42 -17.71 -16.56
C GLU B 23 -7.10 -18.48 -16.69
N ALA B 24 -6.10 -18.04 -15.95
CA ALA B 24 -4.80 -18.74 -15.91
C ALA B 24 -4.95 -20.10 -15.24
N VAL B 25 -5.73 -20.14 -14.16
CA VAL B 25 -6.01 -21.40 -13.45
C VAL B 25 -6.73 -22.38 -14.37
N ALA B 26 -7.67 -21.87 -15.15
CA ALA B 26 -8.45 -22.69 -16.06
C ALA B 26 -7.59 -23.26 -17.19
N ARG B 27 -6.68 -22.44 -17.71
CA ARG B 27 -5.79 -22.86 -18.80
C ARG B 27 -4.76 -23.87 -18.32
N LEU B 28 -4.32 -23.72 -17.07
CA LEU B 28 -3.38 -24.67 -16.48
C LEU B 28 -4.04 -26.04 -16.27
N GLN B 29 -5.31 -26.02 -15.89
CA GLN B 29 -6.04 -27.26 -15.62
C GLN B 29 -6.24 -28.10 -16.88
N GLU B 30 -6.62 -27.47 -17.98
CA GLU B 30 -6.74 -28.17 -19.25
C GLU B 30 -5.38 -28.66 -19.73
N LEU B 31 -4.33 -27.91 -19.38
CA LEU B 31 -2.97 -28.32 -19.68
C LEU B 31 -2.61 -29.58 -18.90
N ASN B 32 -2.90 -29.57 -17.60
CA ASN B 32 -2.65 -30.71 -16.73
C ASN B 32 -3.43 -31.95 -17.18
N ILE B 33 -4.67 -31.72 -17.58
CA ILE B 33 -5.53 -32.81 -18.06
C ILE B 33 -5.01 -33.38 -19.37
N ASP B 34 -4.53 -32.51 -20.26
CA ASP B 34 -3.92 -32.95 -21.51
C ASP B 34 -2.65 -33.75 -21.27
N LEU B 35 -1.82 -33.28 -20.34
CA LEU B 35 -0.54 -33.93 -20.02
C LEU B 35 -0.74 -35.35 -19.50
N VAL B 36 -1.71 -35.52 -18.62
CA VAL B 36 -2.02 -36.84 -18.07
C VAL B 36 -2.59 -37.77 -19.15
N ARG B 37 -3.46 -37.23 -19.99
CA ARG B 37 -4.06 -38.00 -21.07
C ARG B 37 -3.01 -38.60 -21.99
N LYS B 38 -2.08 -37.76 -22.45
CA LYS B 38 -1.06 -38.21 -23.39
C LYS B 38 -0.07 -39.17 -22.73
N THR B 39 0.26 -38.92 -21.47
CA THR B 39 1.20 -39.80 -20.75
C THR B 39 0.64 -41.21 -20.61
N SER B 40 -0.67 -41.31 -20.37
CA SER B 40 -1.34 -42.60 -20.27
C SER B 40 -1.37 -43.30 -21.63
N GLU B 41 -1.28 -42.51 -22.71
CA GLU B 41 -1.34 -43.03 -24.07
C GLU B 41 0.02 -43.55 -24.54
N LEU B 42 1.09 -42.91 -24.07
CA LEU B 42 2.44 -43.23 -24.50
C LEU B 42 3.15 -44.20 -23.55
N THR B 43 4.10 -44.95 -24.09
CA THR B 43 4.96 -45.83 -23.30
C THR B 43 6.42 -45.36 -23.34
N ASP B 44 6.83 -44.81 -24.47
CA ASP B 44 8.18 -44.27 -24.65
C ASP B 44 8.43 -43.07 -23.76
N GLU B 45 9.42 -43.19 -22.89
CA GLU B 45 9.70 -42.16 -21.90
C GLU B 45 10.31 -40.88 -22.49
N LYS B 46 11.06 -41.02 -23.59
CA LYS B 46 11.64 -39.85 -24.26
C LYS B 46 10.54 -38.94 -24.79
N THR B 47 9.54 -39.55 -25.41
CA THR B 47 8.38 -38.84 -25.92
C THR B 47 7.57 -38.23 -24.76
N ILE B 48 7.44 -39.02 -23.69
CA ILE B 48 6.71 -38.57 -22.50
C ILE B 48 7.40 -37.37 -21.85
N ARG B 49 8.73 -37.39 -21.80
CA ARG B 49 9.48 -36.28 -21.22
C ARG B 49 9.37 -35.02 -22.08
N GLU B 50 9.13 -35.19 -23.38
CA GLU B 50 8.93 -34.06 -24.28
C GLU B 50 7.56 -33.42 -24.07
N GLU B 51 6.56 -34.26 -23.80
CA GLU B 51 5.23 -33.76 -23.47
C GLU B 51 5.29 -32.98 -22.16
N ILE B 52 6.00 -33.54 -21.19
CA ILE B 52 6.19 -32.93 -19.88
C ILE B 52 6.96 -31.62 -19.96
N ARG B 53 8.01 -31.60 -20.77
CA ARG B 53 8.80 -30.40 -20.98
C ARG B 53 7.96 -29.28 -21.60
N LYS B 54 7.13 -29.65 -22.57
CA LYS B 54 6.28 -28.70 -23.30
C LYS B 54 5.21 -28.06 -22.41
N VAL B 55 4.47 -28.90 -21.70
CA VAL B 55 3.46 -28.46 -20.75
C VAL B 55 4.08 -27.52 -19.70
N LYS B 56 5.33 -27.82 -19.33
CA LYS B 56 6.04 -27.05 -18.32
C LYS B 56 6.33 -25.61 -18.77
N GLU B 57 6.92 -25.47 -19.95
CA GLU B 57 7.22 -24.15 -20.48
C GLU B 57 5.94 -23.37 -20.75
N GLU B 58 4.92 -24.07 -21.24
CA GLU B 58 3.61 -23.48 -21.47
C GLU B 58 3.00 -23.00 -20.15
N SER B 59 3.22 -23.76 -19.08
CA SER B 59 2.76 -23.36 -17.76
C SER B 59 3.44 -22.09 -17.27
N LYS B 60 4.73 -21.95 -17.59
CA LYS B 60 5.48 -20.77 -17.15
C LYS B 60 5.04 -19.54 -17.92
N ARG B 61 4.86 -19.68 -19.23
CA ARG B 61 4.36 -18.59 -20.07
C ARG B 61 3.08 -18.03 -19.46
N ILE B 62 2.13 -18.92 -19.18
CA ILE B 62 0.87 -18.56 -18.54
C ILE B 62 1.10 -17.88 -17.19
N VAL B 63 2.00 -18.44 -16.41
CA VAL B 63 2.33 -17.88 -15.10
C VAL B 63 2.99 -16.50 -15.24
N GLU B 64 3.82 -16.34 -16.26
CA GLU B 64 4.52 -15.08 -16.45
C GLU B 64 3.57 -13.97 -16.92
N GLU B 65 2.59 -14.34 -17.76
CA GLU B 65 1.58 -13.40 -18.22
C GLU B 65 0.71 -12.91 -17.07
N ALA B 66 0.37 -13.83 -16.16
CA ALA B 66 -0.45 -13.48 -15.00
C ALA B 66 0.31 -12.57 -14.05
N GLU B 67 1.62 -12.76 -13.98
CA GLU B 67 2.49 -11.92 -13.17
C GLU B 67 2.53 -10.49 -13.73
N GLU B 68 2.60 -10.39 -15.06
CA GLU B 68 2.64 -9.09 -15.73
C GLU B 68 1.30 -8.35 -15.57
N GLU B 69 0.21 -9.11 -15.54
CA GLU B 69 -1.13 -8.55 -15.39
C GLU B 69 -1.33 -7.93 -14.02
N ILE B 70 -0.89 -8.61 -12.98
CA ILE B 70 -0.91 -8.08 -11.62
C ILE B 70 -0.03 -6.83 -11.56
N ARG B 71 1.08 -6.86 -12.29
CA ARG B 71 1.99 -5.72 -12.36
C ARG B 71 1.32 -4.53 -13.02
N ARG B 72 0.61 -4.78 -14.12
CA ARG B 72 -0.17 -3.73 -14.79
C ARG B 72 -1.20 -3.16 -13.84
N ALA B 73 -1.94 -4.06 -13.19
CA ALA B 73 -2.96 -3.67 -12.22
C ALA B 73 -2.36 -2.85 -11.09
N LYS B 74 -1.09 -3.11 -10.77
CA LYS B 74 -0.39 -2.35 -9.75
C LYS B 74 -0.10 -0.93 -10.21
N GLU B 75 0.34 -0.81 -11.46
CA GLU B 75 0.60 0.49 -12.05
C GLU B 75 -0.69 1.30 -12.18
N GLU B 76 -1.74 0.65 -12.67
CA GLU B 76 -3.01 1.31 -12.93
C GLU B 76 -3.66 1.83 -11.65
N SER B 77 -3.55 1.05 -10.57
CA SER B 77 -4.10 1.46 -9.29
C SER B 77 -3.41 2.72 -8.79
N ARG B 78 -2.09 2.77 -8.98
CA ARG B 78 -1.30 3.93 -8.60
C ARG B 78 -1.79 5.21 -9.28
N TYR B 79 -2.01 5.13 -10.59
CA TYR B 79 -2.46 6.29 -11.36
C TYR B 79 -3.83 6.80 -10.92
N ILE B 80 -4.71 5.88 -10.55
CA ILE B 80 -6.10 6.21 -10.22
C ILE B 80 -6.22 6.86 -8.85
N ALA B 81 -5.45 6.35 -7.88
CA ALA B 81 -5.45 6.88 -6.53
C ALA B 81 -4.94 8.32 -6.46
N ASP B 82 -4.27 8.76 -7.52
CA ASP B 82 -3.88 10.16 -7.65
C ASP B 82 -3.86 10.57 -9.12
N LEU C 4 -19.26 3.26 8.64
CA LEU C 4 -19.40 2.05 7.85
C LEU C 4 -19.32 2.34 6.36
N ARG C 5 -18.13 2.20 5.80
CA ARG C 5 -17.84 2.66 4.45
C ARG C 5 -18.36 1.73 3.36
N ALA C 6 -18.54 2.30 2.17
CA ALA C 6 -18.81 1.52 0.98
C ALA C 6 -17.55 0.77 0.56
N VAL C 7 -16.41 1.37 0.85
CA VAL C 7 -15.12 0.80 0.48
C VAL C 7 -14.77 -0.43 1.33
N ALA C 8 -15.09 -0.38 2.62
CA ALA C 8 -14.85 -1.51 3.52
C ALA C 8 -15.69 -2.72 3.11
N ASP C 9 -16.88 -2.46 2.59
CA ASP C 9 -17.78 -3.52 2.15
C ASP C 9 -17.35 -4.08 0.79
N LEU C 10 -16.83 -3.21 -0.07
CA LEU C 10 -16.25 -3.64 -1.33
C LEU C 10 -15.03 -4.51 -1.07
N GLN C 11 -14.31 -4.17 -0.01
CA GLN C 11 -13.08 -4.88 0.35
C GLN C 11 -13.37 -6.32 0.78
N ARG C 12 -14.38 -6.51 1.63
CA ARG C 12 -14.73 -7.85 2.11
C ARG C 12 -15.26 -8.71 0.95
N LEU C 13 -15.88 -8.05 -0.02
CA LEU C 13 -16.33 -8.71 -1.25
C LEU C 13 -15.13 -9.34 -1.97
N ASN C 14 -14.01 -8.60 -2.00
CA ASN C 14 -12.79 -9.10 -2.63
C ASN C 14 -12.12 -10.20 -1.80
N ILE C 15 -12.22 -10.10 -0.48
CA ILE C 15 -11.71 -11.13 0.42
C ILE C 15 -12.49 -12.42 0.24
N GLU C 16 -13.80 -12.29 0.18
CA GLU C 16 -14.68 -13.42 -0.08
C GLU C 16 -14.36 -13.99 -1.46
N LEU C 17 -13.96 -13.12 -2.37
CA LEU C 17 -13.68 -13.50 -3.76
C LEU C 17 -12.38 -14.30 -3.87
N ALA C 18 -11.35 -13.86 -3.16
CA ALA C 18 -10.08 -14.57 -3.16
C ALA C 18 -10.22 -15.97 -2.56
N ARG C 19 -11.05 -16.08 -1.55
CA ARG C 19 -11.32 -17.36 -0.88
C ARG C 19 -11.94 -18.38 -1.83
N LYS C 20 -12.98 -17.94 -2.55
CA LYS C 20 -13.69 -18.83 -3.47
C LYS C 20 -12.77 -19.33 -4.56
N LEU C 21 -11.91 -18.45 -5.07
CA LEU C 21 -10.96 -18.82 -6.11
C LEU C 21 -9.91 -19.80 -5.57
N LEU C 22 -9.45 -19.57 -4.35
CA LEU C 22 -8.52 -20.48 -3.71
C LEU C 22 -9.20 -21.83 -3.48
N GLU C 23 -10.46 -21.77 -3.07
CA GLU C 23 -11.27 -22.97 -2.89
C GLU C 23 -11.40 -23.74 -4.20
N ALA C 24 -11.51 -22.99 -5.30
CA ALA C 24 -11.57 -23.60 -6.62
C ALA C 24 -10.24 -24.27 -6.97
N VAL C 25 -9.15 -23.58 -6.70
CA VAL C 25 -7.81 -24.10 -6.96
C VAL C 25 -7.54 -25.35 -6.12
N ALA C 26 -7.97 -25.32 -4.87
CA ALA C 26 -7.80 -26.45 -3.97
C ALA C 26 -8.56 -27.69 -4.47
N ARG C 27 -9.78 -27.49 -4.93
CA ARG C 27 -10.61 -28.57 -5.44
C ARG C 27 -10.02 -29.17 -6.71
N LEU C 28 -9.55 -28.31 -7.61
CA LEU C 28 -8.93 -28.76 -8.85
C LEU C 28 -7.65 -29.55 -8.57
N GLN C 29 -6.86 -29.07 -7.62
CA GLN C 29 -5.62 -29.74 -7.25
C GLN C 29 -5.89 -31.18 -6.79
N GLU C 30 -6.97 -31.36 -6.04
CA GLU C 30 -7.35 -32.68 -5.55
C GLU C 30 -7.90 -33.56 -6.67
N LEU C 31 -8.54 -32.94 -7.65
CA LEU C 31 -9.01 -33.66 -8.83
C LEU C 31 -7.83 -34.19 -9.63
N ASN C 32 -6.79 -33.37 -9.75
CA ASN C 32 -5.60 -33.73 -10.51
C ASN C 32 -4.81 -34.88 -9.88
N ILE C 33 -4.70 -34.86 -8.56
CA ILE C 33 -3.98 -35.91 -7.83
C ILE C 33 -4.74 -37.24 -7.88
N ASP C 34 -6.06 -37.17 -7.78
CA ASP C 34 -6.91 -38.35 -7.88
C ASP C 34 -6.81 -38.98 -9.28
N LEU C 35 -6.76 -38.13 -10.31
CA LEU C 35 -6.66 -38.61 -11.69
C LEU C 35 -5.33 -39.32 -11.93
N VAL C 36 -4.26 -38.78 -11.34
CA VAL C 36 -2.95 -39.40 -11.45
C VAL C 36 -2.89 -40.70 -10.65
N ARG C 37 -3.54 -40.71 -9.49
CA ARG C 37 -3.60 -41.92 -8.67
C ARG C 37 -4.28 -43.06 -9.41
N LYS C 38 -5.47 -42.78 -9.95
CA LYS C 38 -6.24 -43.78 -10.68
C LYS C 38 -5.55 -44.19 -11.97
N THR C 39 -4.79 -43.27 -12.56
CA THR C 39 -4.09 -43.56 -13.81
C THR C 39 -2.98 -44.59 -13.62
N SER C 40 -2.29 -44.53 -12.48
CA SER C 40 -1.25 -45.49 -12.16
C SER C 40 -1.85 -46.84 -11.81
N GLU C 41 -3.07 -46.82 -11.30
CA GLU C 41 -3.76 -48.03 -10.83
C GLU C 41 -4.38 -48.84 -11.97
N LEU C 42 -4.79 -48.16 -13.03
CA LEU C 42 -5.53 -48.80 -14.12
C LEU C 42 -4.68 -49.07 -15.35
N THR C 43 -5.01 -50.13 -16.08
CA THR C 43 -4.35 -50.45 -17.34
C THR C 43 -5.32 -50.45 -18.53
N ASP C 44 -6.61 -50.61 -18.24
CA ASP C 44 -7.63 -50.52 -19.29
C ASP C 44 -7.78 -49.06 -19.73
N GLU C 45 -7.44 -48.79 -20.98
CA GLU C 45 -7.45 -47.44 -21.51
C GLU C 45 -8.85 -46.83 -21.56
N LYS C 46 -9.86 -47.66 -21.86
CA LYS C 46 -11.25 -47.22 -21.86
C LYS C 46 -11.65 -46.67 -20.50
N THR C 47 -11.22 -47.37 -19.46
CA THR C 47 -11.44 -46.97 -18.09
C THR C 47 -10.72 -45.66 -17.77
N ILE C 48 -9.46 -45.59 -18.16
CA ILE C 48 -8.63 -44.40 -17.95
C ILE C 48 -9.20 -43.18 -18.67
N ARG C 49 -9.66 -43.37 -19.90
CA ARG C 49 -10.22 -42.27 -20.68
C ARG C 49 -11.52 -41.75 -20.08
N GLU C 50 -12.28 -42.65 -19.44
CA GLU C 50 -13.51 -42.27 -18.75
C GLU C 50 -13.21 -41.46 -17.50
N GLU C 51 -12.18 -41.85 -16.77
CA GLU C 51 -11.74 -41.10 -15.60
C GLU C 51 -11.29 -39.71 -16.01
N ILE C 52 -10.67 -39.62 -17.18
CA ILE C 52 -10.22 -38.35 -17.74
C ILE C 52 -11.39 -37.46 -18.10
N ARG C 53 -12.39 -38.03 -18.77
CA ARG C 53 -13.60 -37.31 -19.14
C ARG C 53 -14.35 -36.81 -17.89
N LYS C 54 -14.33 -37.61 -16.83
CA LYS C 54 -15.02 -37.25 -15.59
C LYS C 54 -14.37 -36.05 -14.90
N VAL C 55 -13.05 -36.10 -14.76
CA VAL C 55 -12.29 -35.00 -14.17
C VAL C 55 -12.44 -33.73 -14.99
N LYS C 56 -12.45 -33.88 -16.31
CA LYS C 56 -12.61 -32.74 -17.22
C LYS C 56 -13.93 -32.02 -17.01
N GLU C 57 -15.01 -32.78 -16.92
CA GLU C 57 -16.35 -32.23 -16.70
C GLU C 57 -16.45 -31.61 -15.32
N GLU C 58 -15.85 -32.26 -14.33
CA GLU C 58 -15.83 -31.74 -12.96
C GLU C 58 -15.01 -30.46 -12.86
N SER C 59 -13.88 -30.42 -13.57
CA SER C 59 -13.04 -29.23 -13.57
C SER C 59 -13.73 -28.03 -14.23
N LYS C 60 -14.48 -28.30 -15.31
CA LYS C 60 -15.19 -27.24 -16.01
C LYS C 60 -16.27 -26.61 -15.13
N ARG C 61 -16.99 -27.45 -14.39
CA ARG C 61 -18.04 -26.97 -13.50
C ARG C 61 -17.47 -26.06 -12.41
N ILE C 62 -16.34 -26.47 -11.83
CA ILE C 62 -15.68 -25.69 -10.80
C ILE C 62 -15.24 -24.32 -11.31
N VAL C 63 -14.66 -24.29 -12.50
CA VAL C 63 -14.26 -23.03 -13.13
C VAL C 63 -15.48 -22.15 -13.39
N GLU C 64 -16.55 -22.73 -13.91
CA GLU C 64 -17.77 -21.99 -14.19
C GLU C 64 -18.44 -21.49 -12.91
N GLU C 65 -18.36 -22.29 -11.85
CA GLU C 65 -18.85 -21.88 -10.53
C GLU C 65 -18.10 -20.64 -10.05
N ALA C 66 -16.80 -20.61 -10.32
CA ALA C 66 -15.97 -19.48 -9.90
C ALA C 66 -16.21 -18.25 -10.77
N GLU C 67 -16.42 -18.47 -12.07
CA GLU C 67 -16.75 -17.38 -12.99
C GLU C 67 -18.06 -16.72 -12.59
N GLU C 68 -18.98 -17.52 -12.07
CA GLU C 68 -20.30 -17.03 -11.69
C GLU C 68 -20.24 -16.16 -10.44
N GLU C 69 -19.38 -16.56 -9.50
CA GLU C 69 -19.16 -15.81 -8.27
C GLU C 69 -18.48 -14.46 -8.57
N ILE C 70 -17.63 -14.44 -9.60
CA ILE C 70 -16.98 -13.21 -10.02
C ILE C 70 -18.01 -12.24 -10.61
N ARG C 71 -18.95 -12.79 -11.39
CA ARG C 71 -20.04 -11.98 -11.92
C ARG C 71 -20.91 -11.43 -10.79
N ARG C 72 -21.00 -12.17 -9.69
CA ARG C 72 -21.75 -11.69 -8.54
C ARG C 72 -21.03 -10.54 -7.87
N ALA C 73 -19.73 -10.73 -7.64
CA ALA C 73 -18.90 -9.69 -7.04
C ALA C 73 -18.94 -8.40 -7.86
N LYS C 74 -18.83 -8.53 -9.18
CA LYS C 74 -18.93 -7.40 -10.09
C LYS C 74 -20.27 -6.68 -9.98
N GLU C 75 -21.36 -7.44 -9.96
CA GLU C 75 -22.69 -6.84 -9.88
C GLU C 75 -22.95 -6.25 -8.50
N GLU C 76 -22.54 -6.97 -7.46
CA GLU C 76 -22.71 -6.49 -6.08
C GLU C 76 -21.91 -5.21 -5.88
N SER C 77 -20.75 -5.14 -6.53
CA SER C 77 -19.89 -3.97 -6.46
C SER C 77 -20.56 -2.75 -7.07
N ARG C 78 -21.17 -2.94 -8.24
CA ARG C 78 -21.94 -1.89 -8.89
C ARG C 78 -23.00 -1.33 -7.95
N TYR C 79 -23.73 -2.24 -7.31
CA TYR C 79 -24.80 -1.87 -6.39
C TYR C 79 -24.33 -0.96 -5.27
N ILE C 80 -23.11 -1.23 -4.81
CA ILE C 80 -22.51 -0.51 -3.69
C ILE C 80 -22.09 0.91 -4.11
N ALA C 81 -21.97 1.15 -5.41
CA ALA C 81 -21.50 2.43 -5.93
C ALA C 81 -22.37 3.63 -5.53
N ASP C 82 -23.68 3.50 -5.70
CA ASP C 82 -24.59 4.61 -5.39
C ASP C 82 -24.77 4.69 -3.87
N GLU C 83 -24.98 3.55 -3.26
CA GLU C 83 -24.96 3.41 -1.82
C GLU C 83 -23.70 4.02 -1.24
N SER C 84 -23.82 5.03 -0.38
CA SER C 84 -22.62 5.68 0.13
C SER C 84 -22.81 6.33 1.50
N ARG C 85 -21.69 6.48 2.19
CA ARG C 85 -21.63 7.15 3.48
C ARG C 85 -21.90 8.64 3.31
N GLU D 3 11.71 -9.20 0.45
CA GLU D 3 11.76 -9.08 -1.02
C GLU D 3 11.39 -7.64 -1.43
N LEU D 4 11.73 -7.26 -2.65
CA LEU D 4 11.64 -5.87 -3.10
C LEU D 4 10.20 -5.37 -3.23
N ARG D 5 9.26 -6.27 -3.46
CA ARG D 5 7.86 -5.88 -3.58
C ARG D 5 7.40 -5.27 -2.26
N ALA D 6 7.67 -5.99 -1.17
CA ALA D 6 7.37 -5.47 0.17
C ALA D 6 8.13 -4.18 0.43
N VAL D 7 9.36 -4.11 -0.07
CA VAL D 7 10.19 -2.91 0.05
C VAL D 7 9.54 -1.71 -0.65
N ALA D 8 9.10 -1.92 -1.89
CA ALA D 8 8.44 -0.87 -2.66
C ALA D 8 7.13 -0.47 -2.00
N ASP D 9 6.43 -1.45 -1.44
CA ASP D 9 5.17 -1.19 -0.72
C ASP D 9 5.44 -0.35 0.52
N LEU D 10 6.50 -0.69 1.26
CA LEU D 10 6.90 0.07 2.43
C LEU D 10 7.26 1.49 2.04
N GLN D 11 7.91 1.64 0.89
CA GLN D 11 8.33 2.95 0.42
C GLN D 11 7.14 3.78 -0.05
N ARG D 12 6.16 3.11 -0.66
CA ARG D 12 4.92 3.77 -1.07
C ARG D 12 4.23 4.37 0.15
N LEU D 13 4.31 3.67 1.29
CA LEU D 13 3.71 4.09 2.54
C LEU D 13 4.41 5.33 3.09
N ASN D 14 5.74 5.36 2.97
CA ASN D 14 6.53 6.50 3.43
C ASN D 14 6.23 7.78 2.62
N ILE D 15 6.09 7.62 1.31
CA ILE D 15 5.72 8.71 0.41
C ILE D 15 4.31 9.23 0.73
N GLU D 16 3.41 8.30 1.01
CA GLU D 16 2.03 8.64 1.35
C GLU D 16 1.98 9.41 2.66
N LEU D 17 2.87 9.05 3.59
CA LEU D 17 2.95 9.72 4.88
C LEU D 17 3.48 11.13 4.71
N ALA D 18 4.52 11.27 3.88
CA ALA D 18 5.07 12.58 3.53
C ALA D 18 3.99 13.46 2.90
N ARG D 19 3.13 12.84 2.09
CA ARG D 19 1.99 13.53 1.49
C ARG D 19 1.05 14.02 2.59
N LYS D 20 0.80 13.17 3.58
CA LYS D 20 -0.10 13.51 4.67
C LYS D 20 0.42 14.66 5.51
N LEU D 21 1.72 14.67 5.77
CA LEU D 21 2.34 15.70 6.58
C LEU D 21 2.28 17.07 5.92
N LEU D 22 2.60 17.12 4.63
CA LEU D 22 2.52 18.34 3.86
C LEU D 22 1.10 18.86 3.81
N GLU D 23 0.17 17.91 3.78
CA GLU D 23 -1.27 18.16 3.72
C GLU D 23 -1.76 18.78 5.03
N ALA D 24 -1.27 18.26 6.14
CA ALA D 24 -1.56 18.83 7.46
C ALA D 24 -0.94 20.21 7.57
N VAL D 25 0.27 20.35 7.05
CA VAL D 25 0.99 21.62 7.06
C VAL D 25 0.25 22.68 6.24
N ALA D 26 -0.26 22.27 5.08
CA ALA D 26 -0.98 23.17 4.19
C ALA D 26 -2.26 23.73 4.82
N ARG D 27 -2.98 22.88 5.55
CA ARG D 27 -4.24 23.27 6.18
C ARG D 27 -4.00 24.12 7.42
N LEU D 28 -2.89 23.89 8.09
CA LEU D 28 -2.49 24.73 9.23
C LEU D 28 -2.11 26.12 8.74
N GLN D 29 -1.48 26.17 7.57
CA GLN D 29 -1.08 27.45 6.99
C GLN D 29 -2.30 28.30 6.63
N GLU D 30 -3.37 27.65 6.18
CA GLU D 30 -4.57 28.38 5.81
C GLU D 30 -5.34 28.85 7.05
N LEU D 31 -5.28 28.06 8.11
CA LEU D 31 -5.84 28.46 9.40
C LEU D 31 -5.14 29.71 9.93
N ASN D 32 -3.82 29.75 9.75
CA ASN D 32 -3.01 30.87 10.22
C ASN D 32 -3.30 32.18 9.48
N ILE D 33 -3.47 32.11 8.16
CA ILE D 33 -3.75 33.28 7.34
C ILE D 33 -5.16 33.80 7.60
N ASP D 34 -6.10 32.89 7.84
CA ASP D 34 -7.47 33.25 8.19
C ASP D 34 -7.54 33.90 9.57
N LEU D 35 -6.79 33.38 10.53
CA LEU D 35 -6.76 33.93 11.87
C LEU D 35 -6.22 35.36 11.88
N VAL D 36 -5.18 35.61 11.10
CA VAL D 36 -4.62 36.95 10.96
C VAL D 36 -5.62 37.88 10.27
N ARG D 37 -6.32 37.35 9.26
CA ARG D 37 -7.31 38.13 8.53
C ARG D 37 -8.44 38.59 9.46
N LYS D 38 -9.04 37.65 10.17
CA LYS D 38 -10.13 37.95 11.09
C LYS D 38 -9.68 38.90 12.21
N THR D 39 -8.49 38.66 12.74
CA THR D 39 -7.96 39.47 13.84
C THR D 39 -7.79 40.93 13.43
N SER D 40 -7.35 41.15 12.20
CA SER D 40 -7.19 42.50 11.67
C SER D 40 -8.55 43.18 11.49
N GLU D 41 -9.57 42.40 11.19
CA GLU D 41 -10.92 42.90 10.96
C GLU D 41 -11.61 43.29 12.28
N LEU D 42 -11.17 42.67 13.37
CA LEU D 42 -11.86 42.83 14.65
C LEU D 42 -11.11 43.75 15.62
N THR D 43 -11.87 44.42 16.49
CA THR D 43 -11.30 45.29 17.52
C THR D 43 -11.66 44.80 18.91
N ASP D 44 -12.78 44.08 19.04
CA ASP D 44 -13.17 43.51 20.31
C ASP D 44 -12.25 42.35 20.66
N GLU D 45 -11.50 42.50 21.76
CA GLU D 45 -10.56 41.49 22.22
C GLU D 45 -11.22 40.14 22.53
N LYS D 46 -12.42 40.20 23.09
CA LYS D 46 -13.17 39.01 23.48
C LYS D 46 -13.60 38.20 22.26
N THR D 47 -13.98 38.90 21.20
CA THR D 47 -14.30 38.26 19.93
C THR D 47 -13.05 37.63 19.31
N ILE D 48 -11.94 38.33 19.46
CA ILE D 48 -10.66 37.89 18.93
C ILE D 48 -10.15 36.64 19.66
N ARG D 49 -10.31 36.60 20.98
CA ARG D 49 -9.90 35.44 21.76
C ARG D 49 -10.76 34.22 21.46
N GLU D 50 -11.95 34.46 20.89
CA GLU D 50 -12.84 33.38 20.46
C GLU D 50 -12.34 32.78 19.14
N GLU D 51 -11.96 33.66 18.21
CA GLU D 51 -11.41 33.24 16.94
C GLU D 51 -10.11 32.45 17.14
N ILE D 52 -9.28 32.94 18.05
CA ILE D 52 -8.02 32.30 18.41
C ILE D 52 -8.26 30.91 19.02
N ARG D 53 -9.17 30.84 19.98
CA ARG D 53 -9.54 29.59 20.63
C ARG D 53 -10.08 28.55 19.64
N LYS D 54 -10.83 29.01 18.64
CA LYS D 54 -11.36 28.13 17.62
C LYS D 54 -10.27 27.60 16.69
N VAL D 55 -9.38 28.49 16.27
CA VAL D 55 -8.27 28.11 15.41
C VAL D 55 -7.37 27.10 16.11
N LYS D 56 -7.20 27.29 17.41
CA LYS D 56 -6.42 26.38 18.24
C LYS D 56 -7.03 24.98 18.24
N GLU D 57 -8.34 24.91 18.44
CA GLU D 57 -9.11 23.67 18.36
C GLU D 57 -8.88 22.95 17.05
N GLU D 58 -9.08 23.67 15.95
CA GLU D 58 -8.94 23.12 14.60
C GLU D 58 -7.51 22.68 14.34
N SER D 59 -6.54 23.43 14.85
CA SER D 59 -5.13 23.07 14.72
C SER D 59 -4.85 21.74 15.42
N LYS D 60 -5.45 21.55 16.59
CA LYS D 60 -5.27 20.32 17.38
C LYS D 60 -5.82 19.10 16.66
N ARG D 61 -6.99 19.25 16.04
CA ARG D 61 -7.62 18.14 15.31
C ARG D 61 -6.80 17.71 14.10
N ILE D 62 -6.20 18.69 13.43
CA ILE D 62 -5.36 18.43 12.27
C ILE D 62 -4.10 17.65 12.67
N VAL D 63 -3.49 18.04 13.78
CA VAL D 63 -2.30 17.36 14.29
C VAL D 63 -2.62 15.93 14.74
N GLU D 64 -3.74 15.76 15.43
CA GLU D 64 -4.14 14.45 15.92
C GLU D 64 -4.57 13.55 14.76
N GLU D 65 -5.14 14.15 13.72
CA GLU D 65 -5.40 13.47 12.46
C GLU D 65 -4.11 12.89 11.89
N ALA D 66 -3.09 13.74 11.81
CA ALA D 66 -1.80 13.38 11.23
C ALA D 66 -1.09 12.36 12.13
N GLU D 67 -1.29 12.50 13.44
CA GLU D 67 -0.82 11.53 14.40
C GLU D 67 -1.41 10.16 14.08
N GLU D 68 -2.68 10.13 13.69
CA GLU D 68 -3.39 8.88 13.44
C GLU D 68 -2.89 8.21 12.16
N GLU D 69 -2.63 9.01 11.13
CA GLU D 69 -2.10 8.50 9.87
C GLU D 69 -0.72 7.87 10.07
N ILE D 70 0.06 8.45 10.98
CA ILE D 70 1.38 7.94 11.29
C ILE D 70 1.29 6.61 12.04
N ARG D 71 0.34 6.52 12.97
CA ARG D 71 0.10 5.27 13.68
C ARG D 71 -0.41 4.21 12.70
N ARG D 72 -1.33 4.62 11.82
CA ARG D 72 -1.87 3.74 10.79
C ARG D 72 -0.76 3.18 9.89
N ALA D 73 0.12 4.05 9.45
CA ALA D 73 1.22 3.66 8.56
C ALA D 73 2.21 2.73 9.26
N LYS D 74 2.39 2.94 10.56
CA LYS D 74 3.28 2.10 11.36
C LYS D 74 2.74 0.68 11.49
N GLU D 75 1.44 0.57 11.72
CA GLU D 75 0.79 -0.73 11.83
C GLU D 75 0.88 -1.49 10.50
N GLU D 76 0.67 -0.77 9.41
CA GLU D 76 0.71 -1.36 8.07
C GLU D 76 2.13 -1.83 7.72
N SER D 77 3.13 -1.09 8.18
CA SER D 77 4.52 -1.47 7.96
C SER D 77 4.85 -2.76 8.70
N ARG D 78 4.32 -2.87 9.91
CA ARG D 78 4.48 -4.09 10.71
C ARG D 78 3.75 -5.24 10.01
N TYR D 79 2.63 -4.94 9.37
CA TYR D 79 1.86 -5.95 8.67
C TYR D 79 2.60 -6.49 7.44
N ILE D 80 3.27 -5.58 6.73
CA ILE D 80 4.05 -5.95 5.55
C ILE D 80 5.22 -6.85 5.95
N ALA D 81 5.85 -6.51 7.08
CA ALA D 81 7.05 -7.21 7.54
C ALA D 81 6.74 -8.63 8.02
N ASP D 82 5.57 -8.80 8.63
CA ASP D 82 5.10 -10.11 9.06
C ASP D 82 4.90 -11.04 7.86
N GLU D 83 4.44 -10.47 6.76
CA GLU D 83 4.09 -11.23 5.56
C GLU D 83 5.28 -11.72 4.74
N SER D 84 6.48 -11.70 5.32
CA SER D 84 7.67 -12.11 4.57
C SER D 84 8.74 -12.69 5.49
N LEU E 4 14.97 -8.49 4.63
CA LEU E 4 14.18 -8.07 5.78
C LEU E 4 15.01 -8.06 7.06
N ARG E 5 16.28 -8.42 6.93
CA ARG E 5 17.24 -8.39 8.03
C ARG E 5 17.28 -7.01 8.70
N ALA E 6 17.22 -5.97 7.87
CA ALA E 6 17.31 -4.60 8.37
C ALA E 6 16.13 -3.73 7.93
N VAL E 7 15.27 -4.29 7.08
CA VAL E 7 14.16 -3.53 6.51
C VAL E 7 13.18 -3.03 7.57
N ALA E 8 12.84 -3.87 8.53
CA ALA E 8 11.88 -3.49 9.57
C ALA E 8 12.45 -2.43 10.50
N ASP E 9 13.75 -2.51 10.75
CA ASP E 9 14.44 -1.53 11.59
C ASP E 9 14.48 -0.16 10.93
N LEU E 10 14.71 -0.15 9.62
CA LEU E 10 14.80 1.09 8.87
C LEU E 10 13.45 1.80 8.76
N GLN E 11 12.40 1.01 8.49
CA GLN E 11 11.05 1.56 8.40
C GLN E 11 10.61 2.12 9.76
N ARG E 12 10.93 1.40 10.83
CA ARG E 12 10.66 1.87 12.18
C ARG E 12 11.27 3.25 12.38
N LEU E 13 12.50 3.41 11.90
CA LEU E 13 13.21 4.69 11.95
C LEU E 13 12.52 5.77 11.10
N ASN E 14 12.03 5.36 9.94
CA ASN E 14 11.28 6.25 9.06
C ASN E 14 10.04 6.80 9.74
N ILE E 15 9.33 5.91 10.45
CA ILE E 15 8.12 6.28 11.17
C ILE E 15 8.40 7.27 12.29
N GLU E 16 9.48 7.00 13.03
CA GLU E 16 9.95 7.90 14.07
C GLU E 16 10.22 9.27 13.47
N LEU E 17 10.85 9.33 12.30
CA LEU E 17 11.22 10.61 11.71
C LEU E 17 9.98 11.45 11.39
N ALA E 18 8.95 10.83 10.82
CA ALA E 18 7.69 11.52 10.55
C ALA E 18 7.05 12.09 11.84
N ARG E 19 7.27 11.40 12.95
N ARG E 19 7.27 11.39 12.95
CA ARG E 19 6.69 11.81 14.22
CA ARG E 19 6.70 11.78 14.24
C ARG E 19 7.36 13.08 14.73
C ARG E 19 7.37 13.04 14.75
N LYS E 20 8.67 13.16 14.53
CA LYS E 20 9.41 14.35 14.92
C LYS E 20 9.01 15.57 14.12
N LEU E 21 8.90 15.38 12.81
CA LEU E 21 8.58 16.46 11.87
C LEU E 21 7.19 17.01 12.15
N LEU E 22 6.25 16.12 12.46
CA LEU E 22 4.91 16.54 12.84
C LEU E 22 4.91 17.26 14.19
N GLU E 23 5.79 16.82 15.09
CA GLU E 23 5.88 17.45 16.41
C GLU E 23 6.50 18.84 16.29
N ALA E 24 7.45 18.99 15.36
CA ALA E 24 8.03 20.29 15.07
C ALA E 24 6.97 21.25 14.53
N VAL E 25 6.15 20.73 13.61
CA VAL E 25 5.06 21.49 13.00
C VAL E 25 4.03 21.90 14.05
N ALA E 26 3.70 20.97 14.95
CA ALA E 26 2.71 21.22 15.99
C ALA E 26 3.15 22.33 16.95
N ARG E 27 4.44 22.37 17.27
CA ARG E 27 4.99 23.36 18.18
C ARG E 27 5.13 24.72 17.48
N LEU E 28 5.48 24.69 16.20
CA LEU E 28 5.53 25.91 15.41
C LEU E 28 4.13 26.52 15.29
N GLN E 29 3.12 25.67 15.19
CA GLN E 29 1.74 26.13 15.06
C GLN E 29 1.23 26.80 16.33
N GLU E 30 1.50 26.20 17.47
N GLU E 30 1.50 26.20 17.47
CA GLU E 30 0.99 26.70 18.74
CA GLU E 30 0.98 26.69 18.74
C GLU E 30 1.60 28.04 19.15
C GLU E 30 1.60 28.02 19.16
N LEU E 31 2.86 28.23 18.85
CA LEU E 31 3.53 29.50 19.19
C LEU E 31 3.26 30.53 18.09
N ASN E 32 2.84 30.05 16.93
CA ASN E 32 2.24 30.92 15.91
C ASN E 32 0.93 31.48 16.42
N ILE E 33 0.17 30.62 17.10
CA ILE E 33 -1.08 31.01 17.73
C ILE E 33 -0.82 31.94 18.92
N ASP E 34 0.25 31.64 19.66
CA ASP E 34 0.69 32.50 20.76
C ASP E 34 1.06 33.91 20.27
N LEU E 35 1.74 33.97 19.14
CA LEU E 35 2.21 35.25 18.60
C LEU E 35 1.04 36.16 18.22
N VAL E 36 0.02 35.57 17.62
CA VAL E 36 -1.19 36.32 17.26
C VAL E 36 -1.93 36.78 18.53
N ARG E 37 -2.00 35.90 19.52
CA ARG E 37 -2.68 36.21 20.79
C ARG E 37 -2.06 37.41 21.49
N LYS E 38 -0.74 37.37 21.67
CA LYS E 38 -0.04 38.41 22.40
C LYS E 38 0.02 39.71 21.59
N THR E 39 0.14 39.60 20.26
CA THR E 39 0.14 40.77 19.39
C THR E 39 -1.18 41.54 19.49
N SER E 40 -2.29 40.83 19.57
CA SER E 40 -3.61 41.45 19.69
C SER E 40 -3.79 42.12 21.06
N GLU E 41 -3.04 41.64 22.04
CA GLU E 41 -3.17 42.12 23.42
C GLU E 41 -2.36 43.39 23.66
N LEU E 42 -1.28 43.54 22.91
CA LEU E 42 -0.38 44.68 23.05
C LEU E 42 -0.73 45.79 22.06
N THR E 43 -0.41 47.02 22.44
CA THR E 43 -0.62 48.18 21.58
C THR E 43 0.71 48.85 21.23
N ASP E 44 1.66 48.73 22.14
CA ASP E 44 2.98 49.33 21.98
C ASP E 44 3.80 48.53 20.95
N GLU E 45 4.19 49.18 19.87
CA GLU E 45 4.84 48.48 18.75
C GLU E 45 6.20 47.88 19.12
N LYS E 46 7.00 48.59 19.91
CA LYS E 46 8.31 48.08 20.31
C LYS E 46 8.18 46.86 21.22
N THR E 47 7.06 46.77 21.92
CA THR E 47 6.75 45.61 22.75
C THR E 47 6.32 44.43 21.87
N ILE E 48 5.49 44.74 20.88
CA ILE E 48 5.06 43.79 19.86
C ILE E 48 6.27 43.21 19.11
N ARG E 49 7.25 44.07 18.84
CA ARG E 49 8.45 43.67 18.10
C ARG E 49 9.30 42.64 18.85
N GLU E 50 9.39 42.80 20.16
CA GLU E 50 10.16 41.88 20.98
C GLU E 50 9.47 40.51 21.04
N GLU E 51 8.14 40.53 21.08
CA GLU E 51 7.35 39.31 21.01
C GLU E 51 7.64 38.58 19.70
N ILE E 52 7.69 39.34 18.61
CA ILE E 52 8.01 38.82 17.29
C ILE E 52 9.42 38.23 17.24
N ARG E 53 10.39 39.00 17.74
CA ARG E 53 11.79 38.56 17.82
C ARG E 53 11.93 37.31 18.70
N LYS E 54 11.11 37.23 19.75
CA LYS E 54 11.16 36.10 20.67
C LYS E 54 10.58 34.84 20.02
N VAL E 55 9.48 35.01 19.31
CA VAL E 55 8.83 33.92 18.60
C VAL E 55 9.71 33.43 17.46
N LYS E 56 10.31 34.35 16.73
CA LYS E 56 11.22 34.00 15.64
C LYS E 56 12.42 33.20 16.15
N GLU E 57 12.96 33.63 17.28
CA GLU E 57 14.10 32.95 17.88
C GLU E 57 13.75 31.52 18.33
N GLU E 58 12.56 31.38 18.91
CA GLU E 58 12.08 30.07 19.35
C GLU E 58 11.80 29.16 18.16
N SER E 59 11.23 29.73 17.10
CA SER E 59 10.97 28.96 15.88
C SER E 59 12.28 28.44 15.28
N LYS E 60 13.32 29.27 15.35
CA LYS E 60 14.65 28.96 14.83
C LYS E 60 15.25 27.74 15.51
N ARG E 61 15.15 27.69 16.84
CA ARG E 61 15.75 26.60 17.59
C ARG E 61 15.02 25.29 17.32
N ILE E 62 13.69 25.35 17.24
CA ILE E 62 12.87 24.19 16.94
C ILE E 62 13.21 23.61 15.57
N VAL E 63 13.39 24.49 14.58
CA VAL E 63 13.81 24.07 13.25
C VAL E 63 15.22 23.49 13.28
N GLU E 64 16.10 24.13 14.05
CA GLU E 64 17.45 23.62 14.23
C GLU E 64 17.41 22.23 14.87
N GLU E 65 16.62 22.10 15.93
CA GLU E 65 16.50 20.82 16.63
C GLU E 65 16.04 19.71 15.69
N ALA E 66 15.07 20.03 14.83
CA ALA E 66 14.55 19.06 13.88
C ALA E 66 15.59 18.71 12.82
N GLU E 67 16.43 19.68 12.48
CA GLU E 67 17.50 19.46 11.50
C GLU E 67 18.49 18.42 12.01
N GLU E 68 18.75 18.44 13.31
CA GLU E 68 19.74 17.55 13.90
C GLU E 68 19.11 16.20 14.24
N GLU E 69 17.79 16.20 14.44
CA GLU E 69 17.03 14.96 14.54
C GLU E 69 17.10 14.22 13.21
N ILE E 70 17.01 14.97 12.11
CA ILE E 70 17.12 14.40 10.78
C ILE E 70 18.53 13.91 10.50
N ARG E 71 19.53 14.65 10.96
CA ARG E 71 20.92 14.25 10.78
C ARG E 71 21.23 12.97 11.54
N ARG E 72 20.71 12.88 12.76
CA ARG E 72 20.91 11.69 13.57
C ARG E 72 20.22 10.48 12.94
N ALA E 73 19.12 10.74 12.25
CA ALA E 73 18.37 9.68 11.57
C ALA E 73 19.16 9.11 10.38
N LYS E 74 19.87 9.99 9.68
CA LYS E 74 20.65 9.58 8.52
C LYS E 74 21.90 8.81 8.94
N GLU E 75 22.51 9.24 10.04
CA GLU E 75 23.65 8.52 10.62
C GLU E 75 23.19 7.13 11.04
N GLU E 76 22.08 7.07 11.76
CA GLU E 76 21.57 5.81 12.28
C GLU E 76 21.18 4.85 11.17
N SER E 77 20.67 5.38 10.06
CA SER E 77 20.36 4.55 8.90
C SER E 77 21.62 3.91 8.32
N ARG E 78 22.68 4.70 8.29
CA ARG E 78 23.95 4.28 7.72
C ARG E 78 24.55 3.10 8.50
N TYR E 79 24.51 3.18 9.82
CA TYR E 79 24.98 2.10 10.67
C TYR E 79 24.21 0.82 10.39
N ILE E 80 22.88 0.95 10.29
CA ILE E 80 22.00 -0.19 10.10
C ILE E 80 22.23 -0.82 8.74
N ALA E 81 22.39 0.00 7.72
CA ALA E 81 22.76 -0.48 6.40
C ALA E 81 24.12 -1.16 6.45
N ASP E 82 25.02 -0.62 7.26
CA ASP E 82 26.33 -1.23 7.41
C ASP E 82 26.28 -2.48 8.27
N GLU E 83 25.12 -2.74 8.89
CA GLU E 83 24.87 -4.02 9.55
C GLU E 83 25.87 -4.34 10.67
N SER E 84 25.81 -3.58 11.76
CA SER E 84 26.60 -3.95 12.94
C SER E 84 25.66 -4.19 14.10
N GLU F 3 17.16 -6.08 -1.74
CA GLU F 3 18.47 -6.15 -1.09
C GLU F 3 18.67 -4.94 -0.17
N LEU F 4 19.58 -5.08 0.79
CA LEU F 4 19.96 -4.04 1.73
C LEU F 4 20.20 -2.69 1.07
N ARG F 5 20.74 -2.70 -0.14
CA ARG F 5 21.26 -1.48 -0.76
C ARG F 5 20.18 -0.66 -1.47
N ALA F 6 19.18 -1.33 -2.02
CA ALA F 6 18.00 -0.63 -2.52
C ALA F 6 17.31 0.07 -1.37
N VAL F 7 17.26 -0.62 -0.23
CA VAL F 7 16.63 -0.09 0.98
C VAL F 7 17.42 1.10 1.53
N ALA F 8 18.74 1.03 1.43
CA ALA F 8 19.60 2.12 1.88
C ALA F 8 19.43 3.34 0.97
N ASP F 9 19.31 3.08 -0.32
CA ASP F 9 19.09 4.15 -1.30
C ASP F 9 17.77 4.85 -1.06
N LEU F 10 16.71 4.07 -0.87
CA LEU F 10 15.40 4.62 -0.53
C LEU F 10 15.47 5.46 0.73
N GLN F 11 16.27 5.00 1.69
CA GLN F 11 16.42 5.68 2.97
C GLN F 11 17.04 7.06 2.78
N ARG F 12 18.08 7.12 1.94
CA ARG F 12 18.71 8.38 1.59
C ARG F 12 17.68 9.33 0.98
N LEU F 13 16.80 8.77 0.16
CA LEU F 13 15.77 9.56 -0.52
C LEU F 13 14.71 10.07 0.47
N ASN F 14 14.37 9.24 1.45
CA ASN F 14 13.41 9.62 2.48
C ASN F 14 13.96 10.74 3.39
N ILE F 15 15.22 10.60 3.80
CA ILE F 15 15.91 11.61 4.59
C ILE F 15 15.95 12.94 3.84
N GLU F 16 16.28 12.87 2.56
CA GLU F 16 16.38 14.03 1.70
C GLU F 16 15.04 14.73 1.54
N LEU F 17 13.97 13.95 1.46
CA LEU F 17 12.63 14.51 1.35
C LEU F 17 12.24 15.18 2.65
N ALA F 18 12.64 14.59 3.76
CA ALA F 18 12.36 15.14 5.08
C ALA F 18 13.05 16.49 5.29
N ARG F 19 14.29 16.60 4.82
CA ARG F 19 15.02 17.86 4.90
C ARG F 19 14.30 18.94 4.09
N LYS F 20 13.72 18.53 2.97
CA LYS F 20 13.02 19.46 2.08
C LYS F 20 11.68 19.90 2.64
N LEU F 21 10.95 18.98 3.26
CA LEU F 21 9.63 19.28 3.81
C LEU F 21 9.77 20.13 5.06
N LEU F 22 10.80 19.87 5.85
CA LEU F 22 11.10 20.73 6.99
C LEU F 22 11.48 22.11 6.51
N GLU F 23 12.18 22.15 5.37
CA GLU F 23 12.61 23.41 4.77
C GLU F 23 11.40 24.25 4.36
N ALA F 24 10.40 23.59 3.79
CA ALA F 24 9.16 24.26 3.41
C ALA F 24 8.39 24.75 4.64
N VAL F 25 8.39 23.93 5.68
CA VAL F 25 7.76 24.29 6.95
C VAL F 25 8.40 25.54 7.54
N ALA F 26 9.73 25.58 7.52
CA ALA F 26 10.48 26.72 8.06
C ALA F 26 10.15 28.02 7.31
N ARG F 27 10.06 27.93 5.99
CA ARG F 27 9.74 29.10 5.16
C ARG F 27 8.34 29.62 5.46
N LEU F 28 7.39 28.70 5.60
CA LEU F 28 6.01 29.05 5.91
C LEU F 28 5.92 29.73 7.28
N GLN F 29 6.72 29.25 8.23
CA GLN F 29 6.74 29.83 9.57
C GLN F 29 7.28 31.26 9.54
N GLU F 30 8.31 31.50 8.75
CA GLU F 30 8.88 32.83 8.62
C GLU F 30 7.91 33.76 7.88
N LEU F 31 7.12 33.19 6.97
CA LEU F 31 6.08 33.95 6.29
C LEU F 31 5.01 34.42 7.28
N ASN F 32 4.62 33.52 8.18
CA ASN F 32 3.64 33.83 9.21
C ASN F 32 4.09 34.98 10.11
N ILE F 33 5.37 34.99 10.43
CA ILE F 33 5.95 36.00 11.33
C ILE F 33 6.11 37.34 10.61
N ASP F 34 6.48 37.29 9.34
CA ASP F 34 6.53 38.48 8.49
C ASP F 34 5.15 39.13 8.42
N LEU F 35 4.13 38.33 8.17
CA LEU F 35 2.76 38.82 8.01
C LEU F 35 2.23 39.48 9.29
N VAL F 36 2.46 38.83 10.43
CA VAL F 36 2.07 39.41 11.71
C VAL F 36 2.85 40.69 11.99
N ARG F 37 4.13 40.69 11.64
CA ARG F 37 4.97 41.88 11.80
C ARG F 37 4.45 43.03 10.93
N LYS F 38 4.19 42.74 9.66
CA LYS F 38 3.71 43.76 8.75
C LYS F 38 2.31 44.23 9.14
N THR F 39 1.49 43.31 9.63
CA THR F 39 0.12 43.65 10.05
C THR F 39 0.10 44.67 11.19
N SER F 40 0.99 44.49 12.17
CA SER F 40 1.10 45.41 13.30
C SER F 40 1.60 46.79 12.86
N GLU F 41 2.38 46.81 11.77
CA GLU F 41 2.97 48.04 11.26
C GLU F 41 1.95 48.84 10.44
N LEU F 42 1.01 48.12 9.83
CA LEU F 42 0.03 48.75 8.95
C LEU F 42 -1.28 49.08 9.69
N THR F 43 -1.89 50.18 9.28
CA THR F 43 -3.17 50.64 9.83
C THR F 43 -4.29 50.52 8.81
N ASP F 44 -3.93 50.66 7.54
CA ASP F 44 -4.87 50.58 6.42
C ASP F 44 -5.26 49.13 6.13
N GLU F 45 -6.53 48.82 6.34
CA GLU F 45 -7.03 47.45 6.16
C GLU F 45 -6.94 46.96 4.72
N LYS F 46 -7.11 47.87 3.75
CA LYS F 46 -6.94 47.53 2.35
C LYS F 46 -5.51 47.10 2.08
N THR F 47 -4.57 47.79 2.72
CA THR F 47 -3.15 47.49 2.61
C THR F 47 -2.82 46.18 3.33
N ILE F 48 -3.51 45.94 4.44
CA ILE F 48 -3.35 44.70 5.20
C ILE F 48 -3.84 43.49 4.40
N ARG F 49 -4.98 43.65 3.73
CA ARG F 49 -5.56 42.57 2.94
C ARG F 49 -4.69 42.16 1.75
N GLU F 50 -3.87 43.09 1.25
CA GLU F 50 -2.97 42.78 0.15
C GLU F 50 -1.76 41.99 0.64
N GLU F 51 -1.27 42.34 1.83
CA GLU F 51 -0.23 41.56 2.48
C GLU F 51 -0.72 40.13 2.69
N ILE F 52 -1.99 40.01 3.07
CA ILE F 52 -2.63 38.72 3.30
C ILE F 52 -2.73 37.90 2.01
N ARG F 53 -3.22 38.51 0.93
CA ARG F 53 -3.30 37.84 -0.36
C ARG F 53 -1.90 37.47 -0.87
N LYS F 54 -0.94 38.36 -0.64
CA LYS F 54 0.46 38.12 -1.03
C LYS F 54 1.04 36.89 -0.34
N VAL F 55 0.87 36.83 0.99
CA VAL F 55 1.36 35.71 1.78
C VAL F 55 0.63 34.41 1.40
N LYS F 56 -0.65 34.52 1.08
CA LYS F 56 -1.46 33.37 0.69
C LYS F 56 -0.89 32.71 -0.56
N GLU F 57 -0.56 33.50 -1.57
CA GLU F 57 -0.02 32.96 -2.82
C GLU F 57 1.42 32.47 -2.66
N GLU F 58 2.20 33.16 -1.84
CA GLU F 58 3.56 32.73 -1.55
C GLU F 58 3.52 31.39 -0.79
N SER F 59 2.52 31.22 0.05
CA SER F 59 2.36 29.98 0.81
C SER F 59 1.93 28.83 -0.08
N LYS F 60 1.03 29.10 -1.03
CA LYS F 60 0.56 28.08 -1.96
C LYS F 60 1.71 27.58 -2.83
N ARG F 61 2.59 28.49 -3.21
CA ARG F 61 3.75 28.17 -4.05
C ARG F 61 4.73 27.25 -3.32
N ILE F 62 4.98 27.56 -2.05
CA ILE F 62 5.87 26.74 -1.22
C ILE F 62 5.34 25.32 -1.06
N VAL F 63 4.03 25.20 -0.84
CA VAL F 63 3.38 23.89 -0.75
C VAL F 63 3.47 23.15 -2.09
N GLU F 64 3.32 23.89 -3.18
CA GLU F 64 3.39 23.29 -4.52
C GLU F 64 4.79 22.80 -4.85
N GLU F 65 5.80 23.57 -4.46
CA GLU F 65 7.19 23.16 -4.62
C GLU F 65 7.45 21.85 -3.88
N ALA F 66 6.90 21.74 -2.67
CA ALA F 66 7.08 20.56 -1.84
C ALA F 66 6.32 19.36 -2.41
N GLU F 67 5.23 19.64 -3.12
CA GLU F 67 4.46 18.61 -3.80
C GLU F 67 5.26 17.98 -4.92
N GLU F 68 5.94 18.81 -5.70
CA GLU F 68 6.79 18.35 -6.80
C GLU F 68 7.97 17.55 -6.26
N GLU F 69 8.45 17.92 -5.07
CA GLU F 69 9.52 17.18 -4.39
C GLU F 69 9.07 15.77 -4.03
N ILE F 70 7.86 15.66 -3.49
CA ILE F 70 7.28 14.37 -3.11
C ILE F 70 7.00 13.53 -4.36
N ARG F 71 6.65 14.21 -5.45
CA ARG F 71 6.42 13.56 -6.73
C ARG F 71 7.72 13.01 -7.29
N ARG F 72 8.79 13.79 -7.20
CA ARG F 72 10.11 13.35 -7.67
C ARG F 72 10.60 12.15 -6.87
N ALA F 73 10.37 12.17 -5.56
CA ALA F 73 10.80 11.09 -4.67
C ALA F 73 10.01 9.81 -4.93
N LYS F 74 8.72 9.95 -5.19
CA LYS F 74 7.88 8.80 -5.52
C LYS F 74 8.37 8.13 -6.80
N GLU F 75 8.70 8.93 -7.79
CA GLU F 75 9.19 8.43 -9.07
C GLU F 75 10.53 7.71 -8.90
N GLU F 76 11.46 8.35 -8.21
CA GLU F 76 12.81 7.82 -8.04
C GLU F 76 12.80 6.54 -7.20
N SER F 77 11.81 6.43 -6.31
CA SER F 77 11.65 5.23 -5.49
C SER F 77 11.33 4.01 -6.36
N ARG F 78 10.38 4.18 -7.28
CA ARG F 78 10.00 3.11 -8.20
C ARG F 78 11.14 2.72 -9.12
N TYR F 79 11.94 3.70 -9.54
CA TYR F 79 13.11 3.42 -10.36
C TYR F 79 14.09 2.52 -9.62
N ILE F 80 14.25 2.80 -8.33
CA ILE F 80 15.17 2.06 -7.48
C ILE F 80 14.68 0.62 -7.32
N ALA F 81 13.36 0.44 -7.36
CA ALA F 81 12.75 -0.89 -7.23
C ALA F 81 12.71 -1.66 -8.54
N ASP F 82 13.81 -2.31 -8.89
CA ASP F 82 13.87 -3.18 -10.06
C ASP F 82 14.87 -4.32 -9.86
#